data_1E2I
#
_entry.id   1E2I
#
_cell.length_a   113.000
_cell.length_b   116.900
_cell.length_c   108.000
_cell.angle_alpha   90.00
_cell.angle_beta   90.00
_cell.angle_gamma   90.00
#
_symmetry.space_group_name_H-M   'C 2 2 21'
#
loop_
_entity.id
_entity.type
_entity.pdbx_description
1 polymer 'THYMIDINE KINASE'
2 non-polymer 'SULFATE ION'
3 non-polymer '9-HYDROXYPROPYLADENINE, S-ISOMER'
4 non-polymer '9-HYDROXYPROPYLADENINE, R-ISOMER'
5 water water
#
_entity_poly.entity_id   1
_entity_poly.type   'polypeptide(L)'
_entity_poly.pdbx_seq_one_letter_code
;MPTLLRVYIDGPHGMGKTTTTQLLVALGSRDDIVYVPEPMTYWRVLGASETIANIYTTQHRLDQGEISAGDAAVVMTSAQ
ITMGMPYAVTDAVLAPHIGGEAGSSHAPPPALTLIFDRHPIAALLCYPAARYLMGSMTPQAVLAFVALIPPTLPGTNIVL
GALPEDRHIDRLAKRQRPGERLDLAMLAAIRRVYGLLANTVRYLQCGGSWREDWGQLSGTAVPPQGAEPQSNAGPRPHIG
DTLFTLFRAPELLAPNGDLYNVFAWALDVLAKRLRSMHVFILDYDQSPAGCRDALLQLTSGMVQTHVTTPGSIPTICDLA
RTFAREMGEAN
;
_entity_poly.pdbx_strand_id   A,B
#
# COMPACT_ATOMS: atom_id res chain seq x y z
N MET A 1 14.90 -17.19 23.13
CA MET A 1 14.28 -16.41 21.99
C MET A 1 15.39 -16.00 21.05
N PRO A 2 15.60 -16.73 19.96
CA PRO A 2 16.68 -16.48 19.04
C PRO A 2 16.74 -15.18 18.29
N THR A 3 17.92 -14.99 17.70
CA THR A 3 18.23 -13.80 16.93
C THR A 3 18.16 -14.06 15.43
N LEU A 4 17.76 -12.95 14.75
CA LEU A 4 17.61 -12.97 13.31
C LEU A 4 18.39 -11.82 12.67
N LEU A 5 18.97 -12.10 11.52
CA LEU A 5 19.68 -11.10 10.73
C LEU A 5 19.04 -11.05 9.33
N ARG A 6 18.46 -9.88 9.03
CA ARG A 6 17.84 -9.66 7.74
C ARG A 6 18.74 -8.78 6.88
N VAL A 7 18.99 -9.24 5.65
CA VAL A 7 19.89 -8.48 4.77
C VAL A 7 19.18 -8.33 3.44
N TYR A 8 18.87 -7.09 3.07
CA TYR A 8 18.21 -6.89 1.80
C TYR A 8 19.21 -6.41 0.79
N ILE A 9 19.42 -7.26 -0.26
CA ILE A 9 20.39 -6.86 -1.30
C ILE A 9 19.62 -6.15 -2.38
N ASP A 10 19.91 -4.86 -2.49
CA ASP A 10 19.17 -3.99 -3.42
C ASP A 10 20.10 -3.11 -4.22
N GLY A 11 19.63 -1.98 -4.72
CA GLY A 11 20.49 -1.11 -5.54
C GLY A 11 20.03 -1.33 -6.98
N PRO A 12 20.60 -0.63 -7.92
CA PRO A 12 20.19 -0.76 -9.30
C PRO A 12 20.45 -2.15 -9.84
N HIS A 13 19.58 -2.69 -10.70
CA HIS A 13 19.91 -4.04 -11.20
C HIS A 13 21.04 -3.98 -12.24
N GLY A 14 21.62 -5.15 -12.54
CA GLY A 14 22.67 -5.22 -13.54
C GLY A 14 24.07 -5.01 -13.01
N MET A 15 24.28 -4.87 -11.71
CA MET A 15 25.62 -4.65 -11.20
C MET A 15 26.36 -5.95 -10.86
N GLY A 16 25.60 -6.98 -10.57
CA GLY A 16 26.01 -8.29 -10.15
C GLY A 16 25.25 -8.85 -8.95
N LYS A 17 24.06 -8.36 -8.58
CA LYS A 17 23.34 -8.90 -7.44
C LYS A 17 22.94 -10.36 -7.63
N THR A 18 22.68 -10.84 -8.84
CA THR A 18 22.35 -12.25 -9.00
C THR A 18 23.40 -13.07 -8.23
N ASP A 31 22.39 -23.80 6.05
CA ASP A 31 21.25 -24.18 6.89
C ASP A 31 20.87 -23.09 7.87
N ASP A 32 21.81 -22.20 8.20
CA ASP A 32 21.53 -21.11 9.13
C ASP A 32 21.54 -19.77 8.37
N ILE A 33 21.25 -19.92 7.08
CA ILE A 33 21.17 -18.85 6.12
C ILE A 33 20.28 -19.29 4.98
N VAL A 34 19.28 -18.47 4.67
CA VAL A 34 18.32 -18.72 3.61
C VAL A 34 18.31 -17.55 2.62
N TYR A 35 18.27 -17.82 1.32
CA TYR A 35 18.25 -16.76 0.31
C TYR A 35 16.93 -16.68 -0.43
N VAL A 36 16.19 -15.58 -0.27
CA VAL A 36 14.90 -15.32 -0.91
C VAL A 36 15.23 -14.66 -2.25
N PRO A 37 15.12 -15.40 -3.34
CA PRO A 37 15.50 -14.90 -4.66
C PRO A 37 14.50 -14.01 -5.31
N GLU A 38 14.88 -13.44 -6.44
CA GLU A 38 14.05 -12.55 -7.24
C GLU A 38 12.85 -13.33 -7.77
N PRO A 39 11.64 -12.83 -7.56
CA PRO A 39 10.43 -13.53 -7.97
C PRO A 39 10.16 -13.49 -9.43
N MET A 40 11.10 -13.99 -10.28
CA MET A 40 10.94 -13.94 -11.71
C MET A 40 9.72 -14.65 -12.21
N THR A 41 9.41 -15.84 -11.65
CA THR A 41 8.18 -16.53 -12.07
C THR A 41 6.93 -15.72 -11.76
N TYR A 42 6.91 -14.90 -10.68
CA TYR A 42 5.70 -14.11 -10.43
C TYR A 42 5.57 -13.10 -11.56
N TRP A 43 6.69 -12.47 -11.91
CA TRP A 43 6.69 -11.44 -12.94
C TRP A 43 6.36 -11.91 -14.34
N ARG A 44 6.92 -13.09 -14.71
CA ARG A 44 6.67 -13.58 -16.08
C ARG A 44 5.36 -14.34 -16.23
N VAL A 45 4.93 -15.05 -15.19
CA VAL A 45 3.70 -15.83 -15.26
C VAL A 45 2.68 -15.74 -14.13
N LEU A 46 3.02 -15.88 -12.86
CA LEU A 46 1.94 -15.90 -11.86
C LEU A 46 1.11 -14.65 -11.70
N GLY A 47 1.76 -13.47 -11.60
CA GLY A 47 1.01 -12.23 -11.39
C GLY A 47 0.46 -11.63 -12.64
N ALA A 48 1.15 -11.89 -13.76
CA ALA A 48 0.75 -11.36 -15.05
C ALA A 48 1.65 -11.98 -16.12
N SER A 49 1.38 -11.78 -17.39
CA SER A 49 2.25 -12.35 -18.40
C SER A 49 3.37 -11.40 -18.82
N GLU A 50 4.60 -11.84 -18.61
CA GLU A 50 5.77 -11.10 -19.00
C GLU A 50 5.75 -9.64 -18.61
N THR A 51 5.64 -9.37 -17.31
CA THR A 51 5.65 -7.99 -16.83
C THR A 51 6.90 -7.24 -17.24
N ILE A 52 8.12 -7.78 -17.24
CA ILE A 52 9.26 -6.92 -17.62
C ILE A 52 9.15 -6.49 -19.05
N ALA A 53 8.75 -7.40 -19.94
CA ALA A 53 8.61 -7.08 -21.36
C ALA A 53 7.60 -5.98 -21.59
N ASN A 54 6.49 -6.04 -20.83
CA ASN A 54 5.46 -4.99 -20.97
C ASN A 54 6.00 -3.66 -20.49
N ILE A 55 6.80 -3.65 -19.42
CA ILE A 55 7.41 -2.39 -18.96
C ILE A 55 8.32 -1.81 -20.03
N TYR A 56 9.31 -2.59 -20.44
CA TYR A 56 10.26 -2.10 -21.45
C TYR A 56 9.64 -1.77 -22.79
N THR A 57 8.67 -2.51 -23.27
CA THR A 57 8.00 -2.17 -24.54
C THR A 57 7.29 -0.83 -24.41
N THR A 58 6.56 -0.65 -23.30
CA THR A 58 5.82 0.60 -23.08
C THR A 58 6.73 1.80 -23.09
N GLN A 59 7.89 1.74 -22.43
CA GLN A 59 8.76 2.89 -22.40
C GLN A 59 9.29 3.11 -23.85
N HIS A 60 9.57 2.01 -24.51
CA HIS A 60 10.06 2.11 -25.91
C HIS A 60 9.02 2.81 -26.77
N ARG A 61 7.76 2.39 -26.69
CA ARG A 61 6.69 3.03 -27.46
C ARG A 61 6.51 4.49 -27.16
N LEU A 62 6.70 4.91 -25.90
CA LEU A 62 6.60 6.30 -25.50
C LEU A 62 7.77 7.07 -26.13
N ASP A 63 8.97 6.50 -26.03
CA ASP A 63 10.17 7.10 -26.56
C ASP A 63 10.09 7.34 -28.08
N GLN A 64 9.40 6.46 -28.80
CA GLN A 64 9.26 6.58 -30.24
C GLN A 64 8.05 7.42 -30.64
N GLY A 65 7.26 7.89 -29.70
CA GLY A 65 6.08 8.69 -29.93
C GLY A 65 4.88 7.86 -30.34
N GLU A 66 4.91 6.56 -30.11
CA GLU A 66 3.81 5.68 -30.49
C GLU A 66 2.64 5.74 -29.53
N ILE A 67 2.84 6.16 -28.27
CA ILE A 67 1.78 6.28 -27.29
C ILE A 67 1.94 7.57 -26.49
N SER A 68 0.92 8.01 -25.76
CA SER A 68 1.09 9.25 -24.99
C SER A 68 1.71 9.03 -23.62
N ALA A 69 2.12 10.11 -22.98
CA ALA A 69 2.71 10.09 -21.66
C ALA A 69 1.71 9.55 -20.62
N GLY A 70 0.47 10.00 -20.73
CA GLY A 70 -0.62 9.58 -19.86
C GLY A 70 -0.90 8.10 -20.06
N ASP A 71 -0.93 7.65 -21.31
CA ASP A 71 -1.12 6.26 -21.66
C ASP A 71 -0.01 5.37 -21.09
N ALA A 72 1.24 5.79 -21.24
CA ALA A 72 2.34 4.97 -20.73
C ALA A 72 2.30 4.91 -19.20
N ALA A 73 1.91 5.99 -18.56
CA ALA A 73 1.85 6.04 -17.09
C ALA A 73 0.83 5.06 -16.53
N VAL A 74 -0.33 4.88 -17.12
CA VAL A 74 -1.28 3.89 -16.60
C VAL A 74 -0.66 2.51 -16.75
N VAL A 75 -0.04 2.29 -17.94
CA VAL A 75 0.61 0.99 -18.11
C VAL A 75 1.71 0.78 -17.11
N MET A 76 2.66 1.68 -16.93
CA MET A 76 3.72 1.58 -15.96
C MET A 76 3.21 1.38 -14.52
N THR A 77 2.28 2.26 -14.12
CA THR A 77 1.78 2.15 -12.74
C THR A 77 1.25 0.77 -12.41
N SER A 78 0.42 0.20 -13.26
CA SER A 78 -0.17 -1.13 -13.07
C SER A 78 0.87 -2.20 -13.05
N ALA A 79 1.88 -2.09 -13.94
CA ALA A 79 2.94 -3.10 -13.94
C ALA A 79 3.78 -2.99 -12.68
N GLN A 80 3.97 -1.78 -12.13
CA GLN A 80 4.77 -1.68 -10.91
C GLN A 80 4.04 -2.36 -9.74
N ILE A 81 2.71 -2.37 -9.78
CA ILE A 81 1.96 -3.08 -8.71
C ILE A 81 2.32 -4.55 -8.81
N THR A 82 2.25 -5.11 -10.03
CA THR A 82 2.62 -6.53 -10.17
C THR A 82 4.04 -6.85 -9.74
N MET A 83 5.02 -6.04 -10.16
CA MET A 83 6.40 -6.27 -9.79
C MET A 83 6.59 -6.32 -8.28
N GLY A 84 5.92 -5.44 -7.54
CA GLY A 84 6.05 -5.32 -6.13
C GLY A 84 5.31 -6.29 -5.23
N MET A 85 4.29 -6.93 -5.71
CA MET A 85 3.49 -7.86 -4.90
C MET A 85 4.23 -8.84 -4.06
N PRO A 86 5.19 -9.62 -4.57
CA PRO A 86 5.94 -10.55 -3.74
C PRO A 86 6.66 -9.94 -2.58
N TYR A 87 7.22 -8.72 -2.70
CA TYR A 87 7.95 -8.13 -1.59
C TYR A 87 7.02 -7.69 -0.46
N ALA A 88 5.91 -7.12 -0.90
CA ALA A 88 4.92 -6.57 -0.01
C ALA A 88 4.23 -7.70 0.76
N VAL A 89 3.94 -8.80 0.08
CA VAL A 89 3.25 -9.89 0.78
C VAL A 89 4.24 -10.51 1.76
N THR A 90 5.50 -10.61 1.33
CA THR A 90 6.58 -11.14 2.13
C THR A 90 6.79 -10.28 3.37
N ASP A 91 6.85 -8.94 3.19
CA ASP A 91 7.03 -8.11 4.35
C ASP A 91 5.83 -8.27 5.32
N ALA A 92 4.62 -8.30 4.79
CA ALA A 92 3.44 -8.37 5.66
C ALA A 92 3.35 -9.64 6.48
N VAL A 93 3.77 -10.77 5.95
CA VAL A 93 3.70 -12.02 6.69
C VAL A 93 4.85 -12.11 7.68
N LEU A 94 6.01 -11.55 7.34
CA LEU A 94 7.18 -11.60 8.20
C LEU A 94 7.18 -10.64 9.35
N ALA A 95 6.58 -9.45 9.15
CA ALA A 95 6.55 -8.37 10.12
C ALA A 95 6.22 -8.80 11.53
N PRO A 96 5.13 -9.50 11.75
CA PRO A 96 4.76 -9.97 13.08
C PRO A 96 5.83 -10.79 13.77
N HIS A 97 6.74 -11.45 13.07
CA HIS A 97 7.77 -12.25 13.72
C HIS A 97 8.99 -11.48 14.16
N ILE A 98 9.13 -10.22 13.80
CA ILE A 98 10.29 -9.41 14.09
C ILE A 98 10.21 -8.70 15.41
N GLY A 99 11.20 -8.96 16.26
CA GLY A 99 11.18 -8.30 17.58
C GLY A 99 12.10 -7.10 17.61
N GLY A 100 12.49 -6.75 18.84
CA GLY A 100 13.38 -5.59 18.99
C GLY A 100 14.82 -6.02 18.70
N GLU A 101 15.67 -5.00 18.68
CA GLU A 101 17.10 -5.20 18.45
C GLU A 101 17.68 -6.10 19.53
N ALA A 102 18.68 -6.84 19.11
CA ALA A 102 19.41 -7.76 19.98
C ALA A 102 20.85 -7.23 20.05
N GLY A 103 21.34 -6.85 18.87
CA GLY A 103 22.67 -6.31 18.69
C GLY A 103 22.99 -6.06 17.21
N PRO A 108 27.72 -12.22 19.13
CA PRO A 108 27.35 -13.59 18.80
C PRO A 108 26.72 -13.70 17.43
N PRO A 109 26.84 -14.85 16.80
CA PRO A 109 26.26 -15.09 15.48
C PRO A 109 24.76 -15.30 15.64
N PRO A 110 23.99 -14.96 14.62
CA PRO A 110 22.54 -15.09 14.65
C PRO A 110 22.01 -16.48 14.44
N ALA A 111 20.83 -16.78 14.96
CA ALA A 111 20.24 -18.11 14.77
C ALA A 111 19.95 -18.37 13.29
N LEU A 112 19.52 -17.33 12.59
CA LEU A 112 19.16 -17.41 11.20
C LEU A 112 19.53 -16.10 10.48
N THR A 113 20.04 -16.23 9.28
CA THR A 113 20.36 -15.05 8.47
C THR A 113 19.53 -15.20 7.21
N LEU A 114 18.67 -14.24 6.98
CA LEU A 114 17.77 -14.28 5.80
C LEU A 114 18.27 -13.26 4.81
N ILE A 115 18.78 -13.65 3.65
CA ILE A 115 19.29 -12.75 2.65
C ILE A 115 18.20 -12.57 1.60
N PHE A 116 17.75 -11.34 1.40
CA PHE A 116 16.71 -11.16 0.39
C PHE A 116 17.23 -10.51 -0.88
N ASP A 117 16.60 -10.87 -1.98
CA ASP A 117 16.92 -10.21 -3.26
C ASP A 117 15.88 -9.07 -3.36
N ARG A 118 16.28 -7.87 -2.95
CA ARG A 118 15.58 -6.64 -2.90
C ARG A 118 14.68 -6.46 -1.68
N HIS A 119 14.42 -5.17 -1.39
CA HIS A 119 13.56 -4.76 -0.29
C HIS A 119 12.32 -4.14 -0.93
N PRO A 120 11.19 -4.06 -0.27
CA PRO A 120 10.01 -3.41 -0.80
C PRO A 120 10.29 -2.00 -1.36
N ILE A 121 11.21 -1.19 -0.83
CA ILE A 121 11.44 0.14 -1.39
C ILE A 121 11.91 0.14 -2.83
N ALA A 122 12.39 -0.98 -3.36
CA ALA A 122 12.79 -1.04 -4.76
C ALA A 122 11.53 -0.82 -5.62
N ALA A 123 10.46 -1.53 -5.26
CA ALA A 123 9.22 -1.45 -6.00
C ALA A 123 8.25 -0.39 -5.56
N LEU A 124 8.36 0.16 -4.35
CA LEU A 124 7.38 1.14 -3.90
C LEU A 124 7.97 2.56 -3.87
N LEU A 125 9.17 2.70 -4.45
CA LEU A 125 9.84 3.98 -4.49
C LEU A 125 10.92 4.14 -5.56
N CYS A 126 11.92 3.23 -5.54
CA CYS A 126 13.04 3.50 -6.50
C CYS A 126 12.71 3.36 -7.95
N TYR A 127 12.12 2.23 -8.36
CA TYR A 127 11.74 2.00 -9.75
C TYR A 127 10.70 2.99 -10.18
N PRO A 128 9.69 3.25 -9.36
CA PRO A 128 8.70 4.24 -9.65
C PRO A 128 9.35 5.62 -9.83
N ALA A 129 10.23 6.05 -8.93
CA ALA A 129 10.90 7.35 -9.04
C ALA A 129 11.74 7.43 -10.34
N ALA A 130 12.37 6.32 -10.71
CA ALA A 130 13.14 6.26 -11.93
C ALA A 130 12.19 6.36 -13.12
N ARG A 131 11.02 5.73 -13.13
CA ARG A 131 10.12 5.89 -14.30
C ARG A 131 9.55 7.30 -14.39
N TYR A 132 9.38 7.97 -13.23
CA TYR A 132 8.95 9.37 -13.20
C TYR A 132 10.05 10.17 -13.94
N LEU A 133 11.31 9.88 -13.67
CA LEU A 133 12.43 10.56 -14.34
C LEU A 133 12.47 10.23 -15.85
N MET A 134 11.91 9.14 -16.32
CA MET A 134 11.83 8.71 -17.71
C MET A 134 10.55 9.15 -18.39
N GLY A 135 9.80 9.98 -17.68
CA GLY A 135 8.52 10.52 -18.13
C GLY A 135 7.41 9.54 -18.35
N SER A 136 7.43 8.36 -17.74
CA SER A 136 6.43 7.36 -17.89
C SER A 136 5.65 7.02 -16.60
N MET A 137 5.73 7.87 -15.57
CA MET A 137 4.96 7.72 -14.34
C MET A 137 4.75 9.10 -13.73
N THR A 138 3.58 9.36 -13.16
CA THR A 138 3.35 10.70 -12.59
C THR A 138 3.99 10.75 -11.22
N PRO A 139 4.34 11.92 -10.71
CA PRO A 139 4.91 12.05 -9.39
C PRO A 139 3.84 11.69 -8.35
N GLN A 140 2.57 11.97 -8.68
CA GLN A 140 1.49 11.61 -7.75
C GLN A 140 1.37 10.09 -7.61
N ALA A 141 1.57 9.34 -8.71
CA ALA A 141 1.54 7.88 -8.58
C ALA A 141 2.72 7.42 -7.73
N VAL A 142 3.90 8.03 -7.95
CA VAL A 142 5.10 7.69 -7.17
C VAL A 142 4.85 7.90 -5.69
N LEU A 143 4.20 9.02 -5.32
CA LEU A 143 3.90 9.26 -3.90
C LEU A 143 2.81 8.35 -3.37
N ALA A 144 1.96 7.80 -4.23
CA ALA A 144 0.95 6.85 -3.79
C ALA A 144 1.65 5.57 -3.34
N PHE A 145 2.71 5.17 -4.06
CA PHE A 145 3.49 3.99 -3.72
C PHE A 145 4.26 4.26 -2.41
N VAL A 146 4.89 5.41 -2.30
CA VAL A 146 5.62 5.76 -1.08
C VAL A 146 4.72 5.71 0.15
N ALA A 147 3.50 6.18 0.07
CA ALA A 147 2.56 6.15 1.20
C ALA A 147 2.28 4.74 1.67
N LEU A 148 2.44 3.75 0.80
CA LEU A 148 2.23 2.37 1.13
C LEU A 148 3.50 1.64 1.56
N ILE A 149 4.63 2.29 1.71
CA ILE A 149 5.86 1.62 2.17
C ILE A 149 5.60 1.10 3.60
N PRO A 150 5.87 -0.17 3.85
CA PRO A 150 5.65 -0.72 5.19
C PRO A 150 6.52 -0.08 6.24
N PRO A 151 6.00 -0.01 7.46
CA PRO A 151 6.78 0.56 8.57
C PRO A 151 8.13 -0.13 8.65
N THR A 152 9.18 0.67 8.85
CA THR A 152 10.54 0.17 8.97
C THR A 152 10.76 -0.45 10.37
N LEU A 153 10.96 -1.74 10.32
CA LEU A 153 11.18 -2.54 11.51
C LEU A 153 12.66 -2.47 11.91
N PRO A 154 12.93 -2.81 13.16
CA PRO A 154 14.30 -2.82 13.64
C PRO A 154 15.10 -3.79 12.78
N GLY A 155 16.40 -3.56 12.62
CA GLY A 155 17.22 -4.47 11.86
C GLY A 155 16.98 -4.50 10.37
N THR A 156 16.58 -3.38 9.76
CA THR A 156 16.38 -3.35 8.31
C THR A 156 17.71 -2.95 7.66
N ASN A 157 18.53 -3.96 7.35
CA ASN A 157 19.82 -3.78 6.70
C ASN A 157 19.71 -3.91 5.18
N ILE A 158 20.01 -2.79 4.50
CA ILE A 158 19.94 -2.66 3.08
C ILE A 158 21.27 -2.42 2.39
N VAL A 159 21.67 -3.41 1.58
CA VAL A 159 22.91 -3.33 0.83
C VAL A 159 22.72 -2.69 -0.54
N LEU A 160 23.37 -1.55 -0.76
CA LEU A 160 23.30 -0.81 -2.02
C LEU A 160 24.65 -0.98 -2.73
N GLY A 161 24.67 -0.91 -4.03
CA GLY A 161 25.85 -1.09 -4.83
C GLY A 161 26.54 0.14 -5.33
N ALA A 162 27.83 -0.06 -5.61
CA ALA A 162 28.73 0.97 -6.12
C ALA A 162 29.43 0.33 -7.35
N LEU A 163 29.48 1.04 -8.42
CA LEU A 163 30.14 0.50 -9.65
C LEU A 163 30.15 1.65 -10.64
N PRO A 164 31.24 1.95 -11.33
CA PRO A 164 31.26 3.03 -12.30
C PRO A 164 30.23 2.73 -13.40
N GLU A 165 29.70 3.75 -14.05
CA GLU A 165 28.68 3.58 -15.05
C GLU A 165 29.07 2.72 -16.25
N ASP A 166 30.28 2.92 -16.80
CA ASP A 166 30.63 2.08 -17.96
C ASP A 166 30.80 0.65 -17.52
N ARG A 167 31.35 0.30 -16.35
CA ARG A 167 31.40 -1.12 -15.97
C ARG A 167 29.99 -1.68 -15.78
N HIS A 168 29.09 -0.81 -15.32
CA HIS A 168 27.69 -1.21 -15.11
C HIS A 168 27.00 -1.51 -16.44
N ILE A 169 27.30 -0.67 -17.44
CA ILE A 169 26.70 -0.91 -18.77
C ILE A 169 27.19 -2.27 -19.26
N ASP A 170 28.51 -2.53 -19.11
CA ASP A 170 29.05 -3.82 -19.54
C ASP A 170 28.31 -4.97 -18.85
N ARG A 171 28.30 -4.85 -17.50
CA ARG A 171 27.62 -5.94 -16.78
C ARG A 171 26.17 -6.07 -17.17
N LEU A 172 25.42 -4.99 -17.26
CA LEU A 172 24.00 -5.08 -17.59
C LEU A 172 23.77 -5.68 -18.96
N ALA A 173 24.65 -5.35 -19.92
CA ALA A 173 24.54 -5.86 -21.28
C ALA A 173 24.64 -7.38 -21.32
N LYS A 174 25.38 -8.01 -20.40
CA LYS A 174 25.51 -9.45 -20.37
C LYS A 174 24.42 -10.11 -19.50
N ARG A 175 23.70 -9.34 -18.75
CA ARG A 175 22.66 -9.73 -17.83
C ARG A 175 21.25 -9.33 -18.22
N GLN A 176 20.82 -9.17 -19.45
CA GLN A 176 19.41 -8.76 -19.65
C GLN A 176 18.40 -9.80 -19.20
N ARG A 177 17.33 -9.34 -18.58
CA ARG A 177 16.25 -10.20 -18.08
C ARG A 177 15.24 -10.41 -19.22
N PRO A 178 14.41 -11.42 -19.12
CA PRO A 178 13.40 -11.71 -20.13
C PRO A 178 12.49 -10.54 -20.41
N GLY A 179 12.57 -10.00 -21.64
CA GLY A 179 11.75 -8.88 -22.04
C GLY A 179 12.41 -7.53 -21.86
N GLU A 180 13.57 -7.49 -21.19
CA GLU A 180 14.23 -6.21 -20.97
C GLU A 180 14.82 -5.64 -22.26
N ARG A 181 14.88 -4.32 -22.35
CA ARG A 181 15.54 -3.63 -23.48
C ARG A 181 16.72 -2.88 -22.90
N LEU A 182 17.90 -2.90 -23.49
CA LEU A 182 19.04 -2.16 -22.90
C LEU A 182 18.78 -0.69 -23.15
N ASP A 183 18.50 0.01 -22.06
CA ASP A 183 18.15 1.44 -22.15
C ASP A 183 19.07 2.22 -21.23
N LEU A 184 19.99 2.95 -21.78
CA LEU A 184 20.95 3.75 -21.03
C LEU A 184 20.32 4.92 -20.27
N ALA A 185 19.22 5.45 -20.77
CA ALA A 185 18.51 6.54 -20.09
C ALA A 185 17.88 5.96 -18.79
N MET A 186 17.32 4.77 -18.86
CA MET A 186 16.74 4.17 -17.62
C MET A 186 17.89 3.82 -16.69
N LEU A 187 19.07 3.35 -17.16
CA LEU A 187 20.19 3.07 -16.33
C LEU A 187 20.64 4.29 -15.52
N ALA A 188 20.74 5.44 -16.20
CA ALA A 188 21.15 6.65 -15.55
C ALA A 188 20.09 7.05 -14.50
N ALA A 189 18.83 6.95 -14.89
CA ALA A 189 17.75 7.31 -13.96
C ALA A 189 17.76 6.42 -12.74
N ILE A 190 17.89 5.09 -12.92
CA ILE A 190 17.84 4.22 -11.73
C ILE A 190 19.06 4.42 -10.88
N ARG A 191 20.22 4.69 -11.52
CA ARG A 191 21.45 4.94 -10.79
C ARG A 191 21.31 6.22 -9.97
N ARG A 192 20.76 7.25 -10.62
CA ARG A 192 20.59 8.53 -9.91
C ARG A 192 19.65 8.33 -8.69
N VAL A 193 18.53 7.69 -8.92
CA VAL A 193 17.57 7.43 -7.80
C VAL A 193 18.29 6.74 -6.67
N TYR A 194 19.01 5.64 -6.91
CA TYR A 194 19.74 4.95 -5.84
C TYR A 194 20.81 5.79 -5.18
N GLY A 195 21.53 6.66 -5.90
CA GLY A 195 22.53 7.53 -5.25
C GLY A 195 21.80 8.55 -4.38
N LEU A 196 20.67 9.07 -4.87
CA LEU A 196 19.89 10.01 -4.06
C LEU A 196 19.40 9.27 -2.79
N LEU A 197 18.96 8.03 -2.97
CA LEU A 197 18.50 7.24 -1.81
C LEU A 197 19.59 7.18 -0.74
N ALA A 198 20.82 6.73 -1.11
CA ALA A 198 21.86 6.69 -0.09
C ALA A 198 22.05 8.06 0.57
N ASN A 199 22.03 9.14 -0.22
CA ASN A 199 22.24 10.47 0.30
C ASN A 199 21.10 10.86 1.26
N THR A 200 19.90 10.45 0.86
CA THR A 200 18.71 10.77 1.67
C THR A 200 18.79 10.16 3.05
N VAL A 201 19.18 8.88 3.14
CA VAL A 201 19.30 8.22 4.45
C VAL A 201 20.29 9.00 5.30
N ARG A 202 21.48 9.32 4.77
CA ARG A 202 22.45 10.09 5.53
C ARG A 202 21.90 11.45 5.93
N TYR A 203 21.23 12.14 5.01
CA TYR A 203 20.62 13.45 5.32
C TYR A 203 19.70 13.31 6.54
N LEU A 204 18.82 12.30 6.51
CA LEU A 204 17.90 12.12 7.63
C LEU A 204 18.61 11.69 8.90
N GLN A 205 19.61 10.81 8.80
CA GLN A 205 20.32 10.34 9.98
C GLN A 205 21.10 11.45 10.68
N CYS A 206 21.54 12.42 9.90
CA CYS A 206 22.29 13.59 10.46
C CYS A 206 21.39 14.72 10.85
N GLY A 207 20.06 14.52 10.98
CA GLY A 207 19.18 15.58 11.37
C GLY A 207 18.46 16.42 10.36
N GLY A 208 18.62 16.12 9.08
CA GLY A 208 17.97 16.92 8.05
C GLY A 208 16.47 16.97 8.18
N SER A 209 15.91 18.18 8.06
CA SER A 209 14.47 18.35 8.12
C SER A 209 14.04 18.83 6.74
N TRP A 210 13.36 17.99 5.95
CA TRP A 210 13.03 18.42 4.58
C TRP A 210 12.21 19.70 4.55
N ARG A 211 11.30 19.82 5.50
CA ARG A 211 10.42 20.99 5.59
C ARG A 211 11.22 22.26 5.83
N GLU A 212 12.24 22.16 6.64
CA GLU A 212 13.12 23.31 6.95
C GLU A 212 14.02 23.66 5.81
N ASP A 213 14.47 22.67 5.01
CA ASP A 213 15.36 22.97 3.91
C ASP A 213 14.64 23.07 2.57
N TRP A 214 13.33 22.93 2.52
CA TRP A 214 12.59 22.98 1.27
C TRP A 214 12.87 24.25 0.47
N GLY A 215 13.04 25.39 1.14
CA GLY A 215 13.32 26.66 0.48
C GLY A 215 14.64 26.67 -0.26
N GLN A 216 15.60 25.83 0.10
CA GLN A 216 16.88 25.75 -0.58
C GLN A 216 16.76 25.16 -1.99
N LEU A 217 15.71 24.39 -2.27
CA LEU A 217 15.55 23.79 -3.59
C LEU A 217 15.04 24.84 -4.60
N SER A 218 14.04 25.57 -4.17
CA SER A 218 13.39 26.56 -5.00
C SER A 218 13.96 27.94 -4.67
N GLY A 219 15.20 28.18 -5.09
CA GLY A 219 15.86 29.44 -4.85
C GLY A 219 16.88 29.43 -3.72
N THR A 220 18.01 28.78 -3.95
CA THR A 220 19.09 28.66 -2.99
C THR A 220 18.72 28.94 -1.56
N GLY A 234 23.22 17.89 11.48
CA GLY A 234 24.68 17.91 11.34
C GLY A 234 25.08 18.04 9.87
N PRO A 235 26.38 18.15 9.62
CA PRO A 235 26.90 18.23 8.26
C PRO A 235 26.29 17.11 7.45
N ARG A 236 25.64 17.41 6.34
CA ARG A 236 25.00 16.30 5.59
C ARG A 236 24.84 16.80 4.18
N PRO A 237 24.33 15.93 3.32
CA PRO A 237 24.11 16.32 1.96
C PRO A 237 23.09 17.47 1.92
N HIS A 238 23.23 18.20 0.83
CA HIS A 238 22.29 19.30 0.56
C HIS A 238 21.00 18.61 0.14
N ILE A 239 19.86 19.18 0.48
CA ILE A 239 18.57 18.58 0.12
C ILE A 239 18.44 18.37 -1.37
N GLY A 240 19.13 19.19 -2.19
CA GLY A 240 19.11 19.08 -3.63
C GLY A 240 19.78 17.78 -4.10
N ASP A 241 20.60 17.20 -3.25
CA ASP A 241 21.24 15.94 -3.47
C ASP A 241 20.48 14.80 -2.77
N THR A 242 19.20 15.00 -2.45
CA THR A 242 18.42 13.90 -1.85
C THR A 242 17.20 13.63 -2.73
N LEU A 243 16.42 12.61 -2.35
CA LEU A 243 15.22 12.29 -3.12
C LEU A 243 14.18 13.39 -2.95
N PHE A 244 14.32 14.27 -1.95
CA PHE A 244 13.28 15.29 -1.80
C PHE A 244 13.24 16.23 -2.97
N THR A 245 14.38 16.40 -3.65
CA THR A 245 14.44 17.28 -4.80
C THR A 245 13.53 16.78 -5.93
N LEU A 246 13.26 15.48 -6.00
CA LEU A 246 12.40 14.98 -7.08
C LEU A 246 10.95 15.39 -6.95
N PHE A 247 10.56 15.72 -5.71
CA PHE A 247 9.19 16.05 -5.39
C PHE A 247 8.83 17.49 -5.48
N ARG A 248 9.75 18.24 -6.12
CA ARG A 248 9.50 19.65 -6.41
C ARG A 248 8.86 19.69 -7.80
N ALA A 249 8.16 18.64 -8.16
CA ALA A 249 7.45 18.43 -9.41
C ALA A 249 6.23 19.33 -9.40
N PRO A 250 6.02 20.08 -10.46
CA PRO A 250 4.93 21.04 -10.54
C PRO A 250 3.56 20.43 -10.36
N GLU A 251 3.35 19.17 -10.74
CA GLU A 251 2.04 18.55 -10.57
C GLU A 251 1.62 18.48 -9.08
N LEU A 252 2.57 18.51 -8.18
CA LEU A 252 2.32 18.41 -6.75
C LEU A 252 2.20 19.72 -6.03
N LEU A 253 2.34 20.83 -6.78
CA LEU A 253 2.31 22.14 -6.12
C LEU A 253 1.06 22.95 -6.42
N ALA A 254 0.71 23.79 -5.43
CA ALA A 254 -0.47 24.63 -5.63
C ALA A 254 0.00 25.85 -6.43
N PRO A 255 -0.97 26.62 -6.89
CA PRO A 255 -0.69 27.83 -7.66
C PRO A 255 0.32 28.76 -7.02
N ASN A 256 0.47 28.83 -5.70
CA ASN A 256 1.45 29.69 -5.06
C ASN A 256 2.78 29.03 -4.82
N GLY A 257 2.96 27.82 -5.34
CA GLY A 257 4.24 27.14 -5.22
C GLY A 257 4.37 26.21 -4.04
N ASP A 258 3.38 26.25 -3.15
CA ASP A 258 3.35 25.40 -2.00
C ASP A 258 3.03 23.96 -2.41
N LEU A 259 3.65 23.05 -1.71
CA LEU A 259 3.37 21.62 -1.95
C LEU A 259 2.02 21.33 -1.26
N TYR A 260 1.11 20.63 -1.91
CA TYR A 260 -0.14 20.28 -1.24
C TYR A 260 0.22 19.45 0.00
N ASN A 261 -0.61 19.59 1.02
CA ASN A 261 -0.37 18.91 2.30
C ASN A 261 -0.35 17.40 2.18
N VAL A 262 -1.24 16.86 1.36
CA VAL A 262 -1.31 15.42 1.16
C VAL A 262 0.02 14.86 0.65
N PHE A 263 0.72 15.63 -0.18
CA PHE A 263 2.02 15.24 -0.71
C PHE A 263 3.10 15.50 0.33
N ALA A 264 2.96 16.58 1.09
CA ALA A 264 3.94 16.87 2.15
C ALA A 264 3.88 15.73 3.15
N TRP A 265 2.66 15.21 3.38
CA TRP A 265 2.45 14.07 4.25
C TRP A 265 3.30 12.89 3.77
N ALA A 266 3.13 12.61 2.48
CA ALA A 266 3.85 11.49 1.88
C ALA A 266 5.35 11.68 2.07
N LEU A 267 5.84 12.93 2.01
CA LEU A 267 7.29 13.10 2.24
C LEU A 267 7.64 12.86 3.70
N ASP A 268 6.70 13.19 4.60
CA ASP A 268 6.94 12.94 6.02
C ASP A 268 7.10 11.43 6.24
N VAL A 269 6.23 10.65 5.61
CA VAL A 269 6.31 9.19 5.68
C VAL A 269 7.64 8.72 5.12
N LEU A 270 8.06 9.26 3.97
CA LEU A 270 9.35 8.86 3.35
C LEU A 270 10.47 9.09 4.35
N ALA A 271 10.51 10.28 4.97
CA ALA A 271 11.61 10.50 5.92
C ALA A 271 11.58 9.46 7.03
N LYS A 272 10.37 9.23 7.58
CA LYS A 272 10.24 8.25 8.64
C LYS A 272 10.66 6.86 8.20
N ARG A 273 10.22 6.41 7.01
CA ARG A 273 10.66 5.08 6.59
C ARG A 273 12.17 5.00 6.34
N LEU A 274 12.73 5.98 5.66
CA LEU A 274 14.14 5.94 5.34
C LEU A 274 15.11 6.20 6.47
N ARG A 275 14.80 7.11 7.39
CA ARG A 275 15.75 7.38 8.46
C ARG A 275 16.25 6.19 9.26
N SER A 276 15.38 5.22 9.53
CA SER A 276 15.84 4.13 10.39
C SER A 276 16.36 2.89 9.65
N MET A 277 16.60 2.98 8.35
CA MET A 277 17.18 1.85 7.62
C MET A 277 18.70 1.94 7.84
N HIS A 278 19.35 0.80 7.74
CA HIS A 278 20.84 0.82 7.88
C HIS A 278 21.37 0.47 6.49
N VAL A 279 22.00 1.37 5.78
CA VAL A 279 22.51 1.20 4.44
C VAL A 279 23.97 0.78 4.46
N PHE A 280 24.30 -0.22 3.67
CA PHE A 280 25.67 -0.71 3.54
C PHE A 280 26.03 -0.65 2.06
N ILE A 281 27.20 -0.13 1.71
CA ILE A 281 27.55 -0.04 0.30
C ILE A 281 28.50 -1.18 -0.08
N LEU A 282 28.09 -1.93 -1.09
CA LEU A 282 28.90 -3.06 -1.55
C LEU A 282 29.56 -2.66 -2.88
N ASP A 283 30.89 -2.68 -2.91
CA ASP A 283 31.59 -2.36 -4.14
C ASP A 283 31.46 -3.56 -5.09
N TYR A 284 30.80 -3.38 -6.22
CA TYR A 284 30.64 -4.50 -7.15
C TYR A 284 31.73 -4.53 -8.23
N ASP A 285 32.63 -3.56 -8.27
CA ASP A 285 33.69 -3.52 -9.28
C ASP A 285 34.81 -4.48 -8.92
N GLN A 286 34.48 -5.76 -8.88
CA GLN A 286 35.35 -6.84 -8.54
C GLN A 286 34.68 -8.17 -8.93
N SER A 287 35.28 -9.27 -8.53
CA SER A 287 34.78 -10.59 -8.88
C SER A 287 33.75 -11.11 -7.89
N PRO A 288 32.98 -12.11 -8.33
CA PRO A 288 31.98 -12.76 -7.50
C PRO A 288 32.57 -13.25 -6.20
N ALA A 289 33.78 -13.79 -6.23
CA ALA A 289 34.43 -14.23 -5.00
C ALA A 289 34.55 -13.03 -4.05
N GLY A 290 35.12 -11.96 -4.59
CA GLY A 290 35.34 -10.72 -3.87
C GLY A 290 34.04 -10.15 -3.32
N CYS A 291 33.04 -10.05 -4.20
CA CYS A 291 31.74 -9.53 -3.82
C CYS A 291 31.17 -10.39 -2.69
N ARG A 292 31.25 -11.71 -2.85
CA ARG A 292 30.74 -12.59 -1.82
C ARG A 292 31.30 -12.23 -0.45
N ASP A 293 32.62 -12.11 -0.40
CA ASP A 293 33.40 -11.83 0.78
C ASP A 293 33.17 -10.39 1.23
N ALA A 294 33.12 -9.45 0.30
CA ALA A 294 32.86 -8.06 0.72
C ALA A 294 31.50 -8.01 1.42
N LEU A 295 30.54 -8.72 0.83
CA LEU A 295 29.20 -8.83 1.38
C LEU A 295 29.25 -9.43 2.78
N LEU A 296 30.00 -10.53 2.95
CA LEU A 296 30.14 -11.16 4.26
C LEU A 296 30.88 -10.24 5.23
N GLN A 297 31.81 -9.47 4.69
CA GLN A 297 32.53 -8.51 5.56
C GLN A 297 31.57 -7.45 6.10
N LEU A 298 30.64 -6.98 5.29
CA LEU A 298 29.69 -5.94 5.71
C LEU A 298 28.74 -6.36 6.78
N THR A 299 28.61 -7.68 6.94
CA THR A 299 27.72 -8.27 7.90
C THR A 299 28.03 -7.94 9.32
N SER A 300 29.28 -7.63 9.65
CA SER A 300 29.67 -7.32 11.02
C SER A 300 29.02 -6.08 11.59
N GLY A 301 28.66 -5.09 10.78
CA GLY A 301 28.00 -3.93 11.34
C GLY A 301 26.50 -3.95 11.18
N MET A 302 25.91 -5.01 10.60
CA MET A 302 24.45 -5.08 10.45
C MET A 302 23.80 -5.34 11.78
N VAL A 303 22.53 -4.93 11.91
CA VAL A 303 21.82 -5.01 13.16
C VAL A 303 20.90 -6.21 13.19
N GLN A 304 20.97 -6.96 14.26
CA GLN A 304 20.21 -8.13 14.49
C GLN A 304 19.04 -7.86 15.40
N THR A 305 17.97 -8.63 15.18
CA THR A 305 16.84 -8.52 16.05
C THR A 305 16.57 -9.89 16.71
N HIS A 306 15.68 -9.79 17.70
CA HIS A 306 15.18 -11.01 18.34
C HIS A 306 13.93 -11.36 17.53
N VAL A 307 13.46 -12.60 17.52
CA VAL A 307 12.20 -12.88 16.82
C VAL A 307 11.14 -12.81 17.92
N THR A 308 9.86 -12.89 17.62
CA THR A 308 8.91 -12.75 18.74
C THR A 308 8.36 -14.04 19.27
N THR A 309 8.63 -15.17 18.62
CA THR A 309 8.12 -16.46 19.09
C THR A 309 9.23 -17.50 19.01
N PRO A 310 9.01 -18.65 19.63
CA PRO A 310 9.96 -19.76 19.61
C PRO A 310 9.90 -20.45 18.26
N GLY A 311 8.73 -20.43 17.63
CA GLY A 311 8.52 -21.02 16.32
C GLY A 311 8.80 -20.00 15.20
N SER A 312 9.22 -18.78 15.54
CA SER A 312 9.47 -17.83 14.43
C SER A 312 10.57 -18.32 13.50
N ILE A 313 11.76 -18.67 13.96
CA ILE A 313 12.81 -19.12 13.06
C ILE A 313 12.35 -20.13 12.03
N PRO A 314 11.83 -21.28 12.44
CA PRO A 314 11.36 -22.32 11.52
C PRO A 314 10.28 -21.81 10.59
N THR A 315 9.36 -20.98 11.09
CA THR A 315 8.30 -20.48 10.19
C THR A 315 8.90 -19.59 9.13
N ILE A 316 9.77 -18.67 9.57
CA ILE A 316 10.45 -17.75 8.65
C ILE A 316 11.17 -18.53 7.57
N CYS A 317 11.85 -19.57 8.04
CA CYS A 317 12.61 -20.49 7.24
C CYS A 317 11.77 -21.15 6.15
N ASP A 318 10.58 -21.57 6.54
CA ASP A 318 9.59 -22.18 5.68
C ASP A 318 9.18 -21.21 4.57
N LEU A 319 8.84 -19.99 4.99
CA LEU A 319 8.44 -18.91 4.08
C LEU A 319 9.50 -18.75 2.99
N ALA A 320 10.72 -18.52 3.44
CA ALA A 320 11.86 -18.32 2.57
C ALA A 320 12.05 -19.39 1.53
N ARG A 321 12.06 -20.65 1.91
CA ARG A 321 12.22 -21.75 0.99
C ARG A 321 11.05 -21.91 0.04
N THR A 322 9.83 -21.73 0.58
CA THR A 322 8.65 -21.87 -0.30
C THR A 322 8.62 -20.77 -1.34
N PHE A 323 9.02 -19.55 -0.94
CA PHE A 323 9.01 -18.43 -1.94
C PHE A 323 9.94 -18.80 -3.10
N ALA A 324 11.17 -19.17 -2.71
CA ALA A 324 12.23 -19.54 -3.66
C ALA A 324 11.78 -20.62 -4.65
N ARG A 325 11.18 -21.67 -4.10
CA ARG A 325 10.72 -22.78 -4.93
C ARG A 325 9.63 -22.38 -5.90
N GLU A 326 8.65 -21.60 -5.41
CA GLU A 326 7.55 -21.23 -6.25
C GLU A 326 7.81 -20.08 -7.20
N MET A 327 8.52 -19.06 -6.73
CA MET A 327 8.70 -17.87 -7.52
C MET A 327 10.07 -17.62 -8.09
N GLY A 328 11.08 -18.26 -7.53
CA GLY A 328 12.45 -18.11 -8.02
C GLY A 328 12.54 -18.79 -9.40
N GLU A 329 13.19 -18.10 -10.30
CA GLU A 329 13.46 -18.49 -11.66
C GLU A 329 13.86 -19.96 -11.75
N MET B 1 -3.60 10.75 30.58
CA MET B 1 -4.19 9.66 29.76
C MET B 1 -5.47 10.09 29.02
N PRO B 2 -5.36 10.84 27.95
CA PRO B 2 -6.49 11.28 27.14
C PRO B 2 -6.89 10.21 26.13
N THR B 3 -8.17 10.13 25.73
CA THR B 3 -8.56 9.10 24.78
C THR B 3 -9.04 9.66 23.46
N LEU B 4 -9.06 8.79 22.45
CA LEU B 4 -9.48 9.11 21.11
C LEU B 4 -10.45 8.07 20.55
N LEU B 5 -11.45 8.58 19.84
CA LEU B 5 -12.42 7.73 19.19
C LEU B 5 -12.28 7.97 17.67
N ARG B 6 -12.00 6.89 16.95
CA ARG B 6 -11.86 6.98 15.50
C ARG B 6 -12.99 6.17 14.88
N VAL B 7 -13.76 6.76 13.99
CA VAL B 7 -14.90 6.10 13.35
C VAL B 7 -14.81 6.28 11.83
N TYR B 8 -14.69 5.19 11.11
CA TYR B 8 -14.59 5.27 9.65
C TYR B 8 -15.96 4.90 9.07
N ILE B 9 -16.58 5.83 8.38
CA ILE B 9 -17.88 5.59 7.73
C ILE B 9 -17.61 5.02 6.33
N ASP B 10 -18.05 3.82 6.02
CA ASP B 10 -17.69 3.22 4.72
C ASP B 10 -18.79 2.43 4.11
N GLY B 11 -18.57 1.59 3.09
CA GLY B 11 -19.67 0.87 2.48
C GLY B 11 -19.88 1.47 1.09
N PRO B 12 -20.84 0.92 0.38
CA PRO B 12 -21.14 1.36 -0.97
C PRO B 12 -21.51 2.83 -1.06
N HIS B 13 -21.14 3.44 -2.18
CA HIS B 13 -21.46 4.84 -2.45
C HIS B 13 -22.97 5.00 -2.68
N GLY B 14 -23.50 6.20 -2.46
CA GLY B 14 -24.90 6.44 -2.71
C GLY B 14 -25.88 6.08 -1.65
N MET B 15 -25.43 5.76 -0.44
CA MET B 15 -26.36 5.40 0.62
C MET B 15 -26.77 6.57 1.52
N GLY B 16 -25.93 7.59 1.59
CA GLY B 16 -26.15 8.74 2.43
C GLY B 16 -25.08 8.91 3.49
N LYS B 17 -23.93 8.26 3.29
CA LYS B 17 -22.83 8.33 4.21
C LYS B 17 -22.32 9.73 4.50
N THR B 18 -22.00 10.52 3.49
CA THR B 18 -21.45 11.86 3.70
C THR B 18 -22.36 12.77 4.48
N THR B 19 -23.62 12.78 4.08
CA THR B 19 -24.65 13.55 4.74
C THR B 19 -24.80 13.21 6.21
N THR B 20 -24.90 11.90 6.46
CA THR B 20 -25.11 11.48 7.89
C THR B 20 -23.96 11.95 8.75
N THR B 21 -22.72 11.82 8.29
CA THR B 21 -21.57 12.24 9.08
C THR B 21 -21.45 13.74 9.24
N GLN B 22 -21.83 14.51 8.22
CA GLN B 22 -21.80 15.99 8.39
C GLN B 22 -22.83 16.36 9.48
N LEU B 23 -23.96 15.67 9.44
CA LEU B 23 -25.03 15.88 10.41
C LEU B 23 -24.56 15.51 11.80
N LEU B 24 -23.84 14.41 11.93
CA LEU B 24 -23.32 14.00 13.23
C LEU B 24 -22.29 15.02 13.69
N VAL B 25 -21.41 15.43 12.77
CA VAL B 25 -20.40 16.42 13.14
C VAL B 25 -21.05 17.74 13.53
N ALA B 26 -22.15 18.13 12.89
CA ALA B 26 -22.81 19.39 13.19
C ALA B 26 -23.42 19.48 14.58
N LEU B 27 -23.52 18.40 15.32
CA LEU B 27 -24.05 18.33 16.65
C LEU B 27 -22.97 18.58 17.70
N GLY B 28 -21.73 18.23 17.36
CA GLY B 28 -20.64 18.35 18.28
C GLY B 28 -20.04 19.74 18.39
N SER B 29 -19.20 19.84 19.42
CA SER B 29 -18.46 21.08 19.68
C SER B 29 -17.40 21.16 18.58
N ARG B 30 -17.28 22.26 17.88
CA ARG B 30 -16.31 22.43 16.81
C ARG B 30 -14.96 21.78 17.11
N ASP B 31 -14.47 21.88 18.34
CA ASP B 31 -13.23 21.36 18.82
C ASP B 31 -13.19 19.97 19.42
N ASP B 32 -14.26 19.19 19.50
CA ASP B 32 -14.10 17.84 20.08
C ASP B 32 -14.44 16.73 19.08
N ILE B 33 -14.70 17.12 17.84
CA ILE B 33 -15.00 16.15 16.78
C ILE B 33 -14.52 16.75 15.46
N VAL B 34 -13.72 16.00 14.72
CA VAL B 34 -13.22 16.54 13.44
C VAL B 34 -13.56 15.52 12.35
N TYR B 35 -13.97 16.01 11.20
CA TYR B 35 -14.30 15.13 10.08
C TYR B 35 -13.17 15.14 9.03
N VAL B 36 -12.70 14.00 8.60
CA VAL B 36 -11.73 13.84 7.50
C VAL B 36 -12.65 13.46 6.33
N PRO B 37 -12.98 14.42 5.45
CA PRO B 37 -13.92 14.22 4.39
C PRO B 37 -13.45 13.52 3.16
N GLU B 38 -14.35 13.36 2.21
CA GLU B 38 -13.93 12.71 0.92
C GLU B 38 -12.91 13.65 0.29
N PRO B 39 -11.76 13.16 -0.14
CA PRO B 39 -10.73 14.01 -0.74
C PRO B 39 -11.08 14.30 -2.19
N MET B 40 -12.20 15.00 -2.41
CA MET B 40 -12.65 15.31 -3.77
C MET B 40 -11.60 16.13 -4.49
N THR B 41 -11.02 17.11 -3.83
CA THR B 41 -9.97 17.94 -4.36
C THR B 41 -8.73 17.18 -4.77
N TYR B 42 -8.28 16.18 -3.98
CA TYR B 42 -7.15 15.38 -4.40
C TYR B 42 -7.65 14.70 -5.69
N TRP B 43 -8.85 14.13 -5.63
CA TRP B 43 -9.39 13.40 -6.73
C TRP B 43 -9.55 14.06 -8.08
N ARG B 44 -10.47 14.99 -8.27
CA ARG B 44 -10.66 15.59 -9.59
C ARG B 44 -9.48 16.37 -10.10
N VAL B 45 -8.55 16.84 -9.26
CA VAL B 45 -7.44 17.65 -9.69
C VAL B 45 -6.02 17.25 -9.30
N LEU B 46 -5.69 17.36 -8.03
CA LEU B 46 -4.40 17.13 -7.46
C LEU B 46 -3.69 15.82 -7.77
N GLY B 47 -4.31 14.65 -7.62
CA GLY B 47 -3.60 13.38 -7.84
C GLY B 47 -3.50 13.01 -9.31
N ALA B 48 -4.55 13.40 -10.03
CA ALA B 48 -4.68 13.16 -11.46
C ALA B 48 -5.90 13.95 -11.94
N SER B 49 -6.20 13.84 -13.22
CA SER B 49 -7.34 14.56 -13.78
C SER B 49 -8.62 13.75 -13.80
N GLU B 50 -9.65 14.30 -13.14
CA GLU B 50 -10.97 13.69 -13.09
C GLU B 50 -10.90 12.20 -12.80
N THR B 51 -10.28 11.74 -11.83
CA THR B 51 -10.09 10.31 -11.62
C THR B 51 -11.35 9.48 -11.73
N ILE B 52 -12.46 9.93 -11.17
CA ILE B 52 -13.70 9.14 -11.26
C ILE B 52 -14.24 9.07 -12.67
N ALA B 53 -13.99 10.07 -13.49
CA ALA B 53 -14.45 10.13 -14.87
C ALA B 53 -13.78 9.14 -15.80
N ASN B 54 -12.52 8.83 -15.52
CA ASN B 54 -11.78 7.87 -16.34
C ASN B 54 -12.29 6.47 -16.10
N ILE B 55 -12.59 6.14 -14.86
CA ILE B 55 -13.05 4.82 -14.46
C ILE B 55 -14.36 4.38 -15.09
N TYR B 56 -15.44 5.10 -14.80
CA TYR B 56 -16.78 4.80 -15.28
C TYR B 56 -16.94 4.71 -16.78
N THR B 57 -16.09 5.35 -17.56
CA THR B 57 -16.18 5.29 -19.02
C THR B 57 -15.43 4.09 -19.55
N THR B 58 -14.38 3.68 -18.84
CA THR B 58 -13.57 2.53 -19.27
C THR B 58 -14.34 1.23 -19.11
N GLN B 59 -15.08 1.14 -17.99
CA GLN B 59 -15.88 -0.05 -17.73
C GLN B 59 -17.03 -0.05 -18.76
N HIS B 60 -17.56 1.15 -19.01
CA HIS B 60 -18.63 1.33 -19.97
C HIS B 60 -18.14 0.96 -21.37
N ARG B 61 -16.85 1.22 -21.66
CA ARG B 61 -16.36 0.85 -22.99
C ARG B 61 -15.92 -0.60 -22.99
N LEU B 62 -15.74 -1.21 -21.81
CA LEU B 62 -15.39 -2.62 -21.72
C LEU B 62 -16.67 -3.44 -21.94
N ASP B 63 -17.78 -2.92 -21.40
CA ASP B 63 -19.07 -3.59 -21.55
C ASP B 63 -19.34 -3.74 -23.05
N GLN B 64 -19.37 -2.61 -23.75
CA GLN B 64 -19.60 -2.59 -25.19
C GLN B 64 -18.71 -3.64 -25.88
N GLY B 65 -17.41 -3.47 -25.74
CA GLY B 65 -16.44 -4.39 -26.34
C GLY B 65 -15.47 -3.58 -27.22
N GLU B 66 -15.20 -2.37 -26.76
CA GLU B 66 -14.33 -1.42 -27.45
C GLU B 66 -12.88 -1.50 -26.97
N ILE B 67 -12.65 -2.10 -25.82
CA ILE B 67 -11.33 -2.24 -25.22
C ILE B 67 -11.30 -3.56 -24.45
N SER B 68 -10.27 -4.38 -24.63
CA SER B 68 -10.20 -5.67 -23.94
C SER B 68 -10.08 -5.54 -22.43
N ALA B 69 -10.07 -6.72 -21.78
CA ALA B 69 -9.96 -6.83 -20.34
C ALA B 69 -8.63 -6.25 -19.86
N GLY B 70 -7.53 -6.69 -20.46
CA GLY B 70 -6.20 -6.20 -20.09
C GLY B 70 -6.13 -4.68 -20.14
N ASP B 71 -6.72 -4.09 -21.18
CA ASP B 71 -6.76 -2.65 -21.38
C ASP B 71 -7.51 -1.94 -20.26
N ALA B 72 -8.64 -2.51 -19.86
CA ALA B 72 -9.45 -1.91 -18.79
C ALA B 72 -8.78 -2.12 -17.43
N ALA B 73 -8.16 -3.27 -17.24
CA ALA B 73 -7.49 -3.61 -16.00
C ALA B 73 -6.32 -2.69 -15.68
N VAL B 74 -5.59 -2.28 -16.74
CA VAL B 74 -4.44 -1.41 -16.48
C VAL B 74 -4.98 -0.06 -16.04
N VAL B 75 -6.06 0.40 -16.67
CA VAL B 75 -6.65 1.69 -16.29
C VAL B 75 -7.32 1.61 -14.91
N MET B 76 -7.98 0.49 -14.62
CA MET B 76 -8.66 0.39 -13.31
C MET B 76 -7.65 0.29 -12.19
N THR B 77 -6.61 -0.51 -12.37
CA THR B 77 -5.55 -0.71 -11.39
C THR B 77 -4.83 0.57 -11.05
N SER B 78 -4.41 1.33 -12.08
CA SER B 78 -3.68 2.58 -11.78
C SER B 78 -4.63 3.62 -11.23
N ALA B 79 -5.92 3.59 -11.67
CA ALA B 79 -6.86 4.54 -11.08
C ALA B 79 -7.00 4.26 -9.58
N GLN B 80 -7.13 3.00 -9.18
CA GLN B 80 -7.30 2.68 -7.77
C GLN B 80 -6.13 3.06 -6.88
N ILE B 81 -4.91 2.82 -7.35
CA ILE B 81 -3.74 3.11 -6.50
C ILE B 81 -3.63 4.59 -6.29
N THR B 82 -4.03 5.37 -7.30
CA THR B 82 -4.02 6.82 -7.16
C THR B 82 -5.21 7.23 -6.30
N MET B 83 -6.38 6.63 -6.43
CA MET B 83 -7.53 6.95 -5.62
C MET B 83 -7.35 6.67 -4.13
N GLY B 84 -6.66 5.63 -3.71
CA GLY B 84 -6.48 5.34 -2.30
C GLY B 84 -5.42 6.12 -1.57
N MET B 85 -4.57 6.89 -2.28
CA MET B 85 -3.49 7.61 -1.67
C MET B 85 -3.84 8.46 -0.46
N PRO B 86 -4.84 9.28 -0.50
CA PRO B 86 -5.15 10.11 0.68
C PRO B 86 -5.47 9.28 1.91
N TYR B 87 -6.17 8.14 1.75
CA TYR B 87 -6.51 7.35 2.94
C TYR B 87 -5.26 6.74 3.55
N ALA B 88 -4.42 6.21 2.66
CA ALA B 88 -3.17 5.57 3.09
C ALA B 88 -2.27 6.55 3.80
N VAL B 89 -2.12 7.76 3.22
CA VAL B 89 -1.22 8.73 3.81
C VAL B 89 -1.75 9.19 5.13
N THR B 90 -3.06 9.43 5.23
CA THR B 90 -3.65 9.79 6.54
C THR B 90 -3.41 8.75 7.63
N ASP B 91 -3.64 7.48 7.30
CA ASP B 91 -3.39 6.38 8.18
C ASP B 91 -1.92 6.35 8.63
N ALA B 92 -0.97 6.61 7.71
CA ALA B 92 0.44 6.54 8.09
C ALA B 92 0.90 7.66 8.98
N VAL B 93 0.38 8.86 8.86
CA VAL B 93 0.81 9.95 9.75
C VAL B 93 0.10 9.83 11.08
N LEU B 94 -1.07 9.20 11.14
CA LEU B 94 -1.77 9.10 12.42
C LEU B 94 -1.23 7.97 13.29
N ALA B 95 -0.81 6.90 12.62
CA ALA B 95 -0.33 5.72 13.25
C ALA B 95 0.53 5.94 14.48
N PRO B 96 1.60 6.72 14.43
CA PRO B 96 2.46 6.96 15.57
C PRO B 96 1.80 7.51 16.81
N HIS B 97 0.67 8.20 16.72
CA HIS B 97 -0.08 8.78 17.79
C HIS B 97 -1.10 7.86 18.46
N ILE B 98 -1.37 6.70 17.87
CA ILE B 98 -2.35 5.81 18.43
C ILE B 98 -1.82 4.76 19.42
N GLY B 99 -2.25 4.89 20.68
CA GLY B 99 -1.88 3.97 21.73
C GLY B 99 -2.82 2.77 21.82
N GLY B 100 -2.86 2.09 22.96
CA GLY B 100 -3.73 0.91 23.12
C GLY B 100 -5.20 1.23 23.34
N GLU B 101 -6.06 0.24 23.18
CA GLU B 101 -7.51 0.39 23.35
C GLU B 101 -7.90 0.94 24.71
N ALA B 102 -9.21 0.99 24.97
CA ALA B 102 -9.74 1.47 26.24
C ALA B 102 -11.28 1.30 26.23
N HIS B 106 -18.22 1.09 30.37
CA HIS B 106 -17.63 1.91 29.32
C HIS B 106 -16.72 2.99 29.88
N ALA B 107 -16.09 3.77 29.01
CA ALA B 107 -15.18 4.81 29.44
C ALA B 107 -15.71 6.23 29.30
N PRO B 108 -15.02 7.16 29.96
CA PRO B 108 -15.36 8.57 29.92
C PRO B 108 -15.40 9.06 28.48
N PRO B 109 -15.97 10.23 28.24
CA PRO B 109 -16.05 10.80 26.91
C PRO B 109 -14.65 10.91 26.32
N PRO B 110 -14.48 10.58 25.05
CA PRO B 110 -13.18 10.67 24.42
C PRO B 110 -12.79 12.14 24.35
N ALA B 111 -11.51 12.44 24.48
CA ALA B 111 -11.04 13.83 24.38
C ALA B 111 -11.21 14.38 22.96
N LEU B 112 -11.14 13.51 21.96
CA LEU B 112 -11.28 13.84 20.56
C LEU B 112 -11.95 12.71 19.76
N THR B 113 -12.84 13.11 18.85
CA THR B 113 -13.49 12.11 18.00
C THR B 113 -13.17 12.47 16.54
N LEU B 114 -12.53 11.54 15.85
CA LEU B 114 -12.17 11.70 14.44
C LEU B 114 -13.12 10.84 13.58
N ILE B 115 -13.92 11.44 12.74
CA ILE B 115 -14.83 10.70 11.86
C ILE B 115 -14.26 10.80 10.43
N PHE B 116 -14.07 9.70 9.76
CA PHE B 116 -13.52 9.71 8.42
C PHE B 116 -14.52 9.25 7.35
N ASP B 117 -14.38 9.86 6.19
CA ASP B 117 -15.16 9.45 5.02
C ASP B 117 -14.29 8.34 4.39
N ARG B 118 -14.59 7.11 4.70
CA ARG B 118 -13.90 5.92 4.24
C ARG B 118 -12.62 5.56 4.96
N HIS B 119 -12.30 4.27 4.93
CA HIS B 119 -11.09 3.69 5.52
C HIS B 119 -10.22 3.24 4.35
N PRO B 120 -8.92 3.07 4.49
CA PRO B 120 -8.11 2.54 3.40
C PRO B 120 -8.61 1.29 2.77
N ILE B 121 -9.28 0.35 3.53
CA ILE B 121 -9.75 -0.82 2.82
C ILE B 121 -10.76 -0.52 1.72
N ALA B 122 -11.44 0.64 1.62
CA ALA B 122 -12.35 0.84 0.49
C ALA B 122 -11.56 0.80 -0.84
N ALA B 123 -10.39 1.42 -0.82
CA ALA B 123 -9.55 1.55 -2.02
C ALA B 123 -8.53 0.46 -2.19
N LEU B 124 -8.18 -0.27 -1.12
CA LEU B 124 -7.21 -1.33 -1.23
C LEU B 124 -7.80 -2.73 -1.15
N LEU B 125 -9.14 -2.78 -1.13
CA LEU B 125 -9.82 -4.07 -1.01
C LEU B 125 -11.17 -4.11 -1.72
N CYS B 126 -12.12 -3.31 -1.22
CA CYS B 126 -13.49 -3.32 -1.69
C CYS B 126 -13.72 -2.90 -3.10
N TYR B 127 -13.27 -1.70 -3.48
CA TYR B 127 -13.46 -1.25 -4.86
C TYR B 127 -12.72 -2.15 -5.82
N PRO B 128 -11.47 -2.50 -5.54
CA PRO B 128 -10.74 -3.43 -6.40
C PRO B 128 -11.51 -4.75 -6.53
N ALA B 129 -12.03 -5.32 -5.44
CA ALA B 129 -12.76 -6.59 -5.59
C ALA B 129 -14.01 -6.41 -6.42
N ALA B 130 -14.68 -5.24 -6.27
CA ALA B 130 -15.89 -5.00 -7.06
C ALA B 130 -15.54 -4.95 -8.55
N ARG B 131 -14.43 -4.30 -8.89
CA ARG B 131 -14.00 -4.24 -10.29
C ARG B 131 -13.59 -5.63 -10.78
N TYR B 132 -13.02 -6.45 -9.89
CA TYR B 132 -12.70 -7.82 -10.31
C TYR B 132 -13.96 -8.56 -10.72
N LEU B 133 -15.04 -8.42 -9.98
CA LEU B 133 -16.31 -9.02 -10.30
C LEU B 133 -16.91 -8.42 -11.58
N MET B 134 -16.63 -7.20 -11.94
CA MET B 134 -17.09 -6.54 -13.13
C MET B 134 -16.23 -6.87 -14.35
N GLY B 135 -15.18 -7.65 -14.13
CA GLY B 135 -14.24 -8.07 -15.14
C GLY B 135 -13.13 -7.12 -15.49
N SER B 136 -13.08 -5.93 -14.95
CA SER B 136 -12.08 -4.93 -15.24
C SER B 136 -10.84 -4.93 -14.36
N MET B 137 -10.64 -5.92 -13.51
CA MET B 137 -9.45 -6.02 -12.70
C MET B 137 -9.12 -7.49 -12.52
N THR B 138 -7.83 -7.82 -12.52
CA THR B 138 -7.46 -9.23 -12.31
C THR B 138 -7.41 -9.53 -10.83
N PRO B 139 -7.62 -10.79 -10.43
CA PRO B 139 -7.55 -11.21 -9.06
C PRO B 139 -6.14 -11.00 -8.51
N GLN B 140 -5.11 -11.21 -9.34
CA GLN B 140 -3.76 -10.99 -8.87
C GLN B 140 -3.59 -9.53 -8.42
N ALA B 141 -4.14 -8.60 -9.21
CA ALA B 141 -4.02 -7.19 -8.87
C ALA B 141 -4.80 -6.89 -7.60
N VAL B 142 -5.98 -7.55 -7.43
CA VAL B 142 -6.72 -7.30 -6.17
C VAL B 142 -5.88 -7.74 -5.00
N LEU B 143 -5.21 -8.90 -5.14
CA LEU B 143 -4.38 -9.38 -4.02
C LEU B 143 -3.15 -8.54 -3.78
N ALA B 144 -2.63 -7.83 -4.81
CA ALA B 144 -1.50 -6.93 -4.60
C ALA B 144 -1.97 -5.75 -3.73
N PHE B 145 -3.18 -5.27 -3.96
CA PHE B 145 -3.78 -4.22 -3.13
C PHE B 145 -3.94 -4.70 -1.69
N VAL B 146 -4.40 -5.97 -1.57
CA VAL B 146 -4.59 -6.51 -0.22
C VAL B 146 -3.28 -6.59 0.56
N ALA B 147 -2.22 -7.06 -0.13
CA ALA B 147 -0.92 -7.15 0.53
C ALA B 147 -0.40 -5.81 0.98
N LEU B 148 -0.88 -4.70 0.40
CA LEU B 148 -0.43 -3.38 0.80
C LEU B 148 -1.30 -2.72 1.85
N ILE B 149 -2.39 -3.36 2.28
CA ILE B 149 -3.23 -2.72 3.32
C ILE B 149 -2.35 -2.48 4.55
N PRO B 150 -2.35 -1.29 5.10
CA PRO B 150 -1.50 -0.99 6.26
C PRO B 150 -1.92 -1.76 7.51
N PRO B 151 -1.00 -1.99 8.43
CA PRO B 151 -1.36 -2.66 9.68
C PRO B 151 -2.57 -1.96 10.29
N THR B 152 -3.54 -2.76 10.74
CA THR B 152 -4.77 -2.23 11.36
C THR B 152 -4.49 -1.66 12.74
N LEU B 153 -4.68 -0.36 12.91
CA LEU B 153 -4.45 0.28 14.20
C LEU B 153 -5.51 -0.12 15.25
N PRO B 154 -5.13 -0.13 16.52
CA PRO B 154 -6.07 -0.41 17.62
C PRO B 154 -7.27 0.52 17.49
N GLY B 155 -8.46 0.12 17.92
CA GLY B 155 -9.60 1.01 17.81
C GLY B 155 -10.07 1.42 16.43
N THR B 156 -9.93 0.54 15.46
CA THR B 156 -10.45 0.83 14.12
C THR B 156 -11.92 0.42 14.08
N ASN B 157 -12.76 1.44 14.26
CA ASN B 157 -14.19 1.29 14.23
C ASN B 157 -14.68 1.58 12.82
N ILE B 158 -15.21 0.56 12.16
CA ILE B 158 -15.71 0.82 10.80
C ILE B 158 -17.22 0.63 10.77
N VAL B 159 -17.89 1.63 10.19
CA VAL B 159 -19.35 1.63 10.07
C VAL B 159 -19.76 1.33 8.64
N LEU B 160 -20.40 0.19 8.43
CA LEU B 160 -20.82 -0.15 7.06
C LEU B 160 -22.31 0.17 6.96
N GLY B 161 -22.84 0.28 5.75
CA GLY B 161 -24.25 0.66 5.66
C GLY B 161 -25.16 -0.40 5.14
N ALA B 162 -26.43 -0.33 5.56
CA ALA B 162 -27.46 -1.25 5.12
C ALA B 162 -28.58 -0.49 4.36
N LEU B 163 -29.00 -1.03 3.25
CA LEU B 163 -30.06 -0.36 2.48
C LEU B 163 -30.59 -1.20 1.36
N PRO B 164 -31.91 -1.44 1.30
CA PRO B 164 -32.52 -2.22 0.24
C PRO B 164 -32.07 -1.71 -1.11
N GLU B 165 -31.75 -2.66 -1.99
CA GLU B 165 -31.30 -2.34 -3.33
C GLU B 165 -32.26 -1.44 -4.07
N ASP B 166 -33.57 -1.75 -3.94
CA ASP B 166 -34.58 -0.92 -4.63
C ASP B 166 -34.47 0.53 -4.17
N ARG B 167 -34.38 0.75 -2.84
CA ARG B 167 -34.22 2.12 -2.37
C ARG B 167 -32.85 2.66 -2.77
N HIS B 168 -31.84 1.78 -2.81
CA HIS B 168 -30.50 2.20 -3.17
C HIS B 168 -30.42 2.61 -4.63
N ILE B 169 -31.03 1.83 -5.52
CA ILE B 169 -31.03 2.17 -6.96
C ILE B 169 -31.70 3.54 -7.13
N ASP B 170 -32.82 3.72 -6.44
CA ASP B 170 -33.53 5.00 -6.49
C ASP B 170 -32.73 6.12 -5.86
N ARG B 171 -32.08 5.89 -4.71
CA ARG B 171 -31.27 6.99 -4.15
C ARG B 171 -30.16 7.32 -5.15
N LEU B 172 -29.50 6.27 -5.65
CA LEU B 172 -28.41 6.42 -6.60
C LEU B 172 -28.82 7.28 -7.79
N ALA B 173 -29.90 6.97 -8.47
CA ALA B 173 -30.31 7.80 -9.61
C ALA B 173 -30.54 9.24 -9.13
N LYS B 174 -29.52 10.07 -9.24
CA LYS B 174 -29.57 11.47 -8.83
C LYS B 174 -29.23 12.36 -10.03
N ARG B 175 -28.20 11.95 -10.76
CA ARG B 175 -27.75 12.69 -11.94
C ARG B 175 -27.89 11.84 -13.19
N GLU B 180 -19.49 9.74 -12.65
CA GLU B 180 -20.10 8.41 -12.56
C GLU B 180 -21.26 8.27 -13.55
N ARG B 181 -21.54 7.03 -13.95
CA ARG B 181 -22.63 6.73 -14.87
C ARG B 181 -23.58 5.73 -14.19
N LEU B 182 -24.78 5.55 -14.72
CA LEU B 182 -25.74 4.63 -14.12
C LEU B 182 -25.33 3.17 -14.26
N ASP B 183 -24.43 2.70 -13.39
CA ASP B 183 -23.97 1.32 -13.48
C ASP B 183 -24.50 0.45 -12.35
N LEU B 184 -25.61 -0.22 -12.63
CA LEU B 184 -26.27 -1.13 -11.74
C LEU B 184 -25.47 -2.40 -11.48
N ALA B 185 -24.76 -2.87 -12.50
CA ALA B 185 -23.94 -4.09 -12.36
C ALA B 185 -22.86 -3.82 -11.31
N MET B 186 -22.26 -2.63 -11.41
CA MET B 186 -21.25 -2.23 -10.45
C MET B 186 -21.92 -2.00 -9.08
N LEU B 187 -23.15 -1.48 -9.08
CA LEU B 187 -23.85 -1.26 -7.82
C LEU B 187 -24.06 -2.60 -7.15
N ALA B 188 -24.44 -3.58 -7.99
CA ALA B 188 -24.67 -4.91 -7.37
C ALA B 188 -23.35 -5.48 -6.84
N ALA B 189 -22.29 -5.28 -7.64
CA ALA B 189 -20.97 -5.80 -7.25
C ALA B 189 -20.42 -5.19 -5.97
N ILE B 190 -20.52 -3.88 -5.81
CA ILE B 190 -20.02 -3.25 -4.59
C ILE B 190 -20.85 -3.57 -3.38
N ARG B 191 -22.17 -3.75 -3.51
CA ARG B 191 -22.98 -4.10 -2.36
C ARG B 191 -22.63 -5.52 -1.89
N ARG B 192 -22.39 -6.38 -2.89
CA ARG B 192 -22.02 -7.77 -2.61
C ARG B 192 -20.69 -7.82 -1.84
N VAL B 193 -19.68 -7.11 -2.35
CA VAL B 193 -18.39 -7.06 -1.68
C VAL B 193 -18.50 -6.53 -0.26
N TYR B 194 -19.24 -5.44 -0.03
CA TYR B 194 -19.38 -4.99 1.37
C TYR B 194 -20.15 -5.99 2.21
N GLY B 195 -21.11 -6.72 1.60
CA GLY B 195 -21.83 -7.73 2.40
C GLY B 195 -20.80 -8.79 2.84
N LEU B 196 -19.98 -9.17 1.86
CA LEU B 196 -18.92 -10.13 2.07
C LEU B 196 -17.94 -9.65 3.12
N LEU B 197 -17.54 -8.40 3.13
CA LEU B 197 -16.66 -7.80 4.08
C LEU B 197 -17.18 -7.91 5.49
N ALA B 198 -18.40 -7.59 5.82
CA ALA B 198 -18.99 -7.70 7.15
C ALA B 198 -18.97 -9.17 7.63
N ASN B 199 -19.33 -10.07 6.74
CA ASN B 199 -19.32 -11.51 7.09
C ASN B 199 -17.89 -12.02 7.36
N THR B 200 -16.92 -11.43 6.64
CA THR B 200 -15.54 -11.83 6.76
C THR B 200 -15.02 -11.47 8.13
N VAL B 201 -15.39 -10.26 8.60
CA VAL B 201 -14.99 -9.82 9.91
C VAL B 201 -15.65 -10.78 10.97
N ARG B 202 -16.92 -11.04 10.72
CA ARG B 202 -17.64 -11.94 11.69
C ARG B 202 -16.92 -13.33 11.75
N TYR B 203 -16.71 -13.89 10.57
CA TYR B 203 -16.03 -15.17 10.41
C TYR B 203 -14.74 -15.22 11.19
N LEU B 204 -13.84 -14.23 11.04
CA LEU B 204 -12.57 -14.21 11.72
C LEU B 204 -12.71 -14.02 13.20
N GLN B 205 -13.68 -13.19 13.60
CA GLN B 205 -13.86 -12.95 15.04
C GLN B 205 -14.46 -14.15 15.76
N CYS B 206 -15.06 -15.08 15.05
CA CYS B 206 -15.63 -16.30 15.64
C CYS B 206 -14.61 -17.44 15.54
N GLY B 207 -13.36 -17.17 15.19
CA GLY B 207 -12.31 -18.15 15.04
C GLY B 207 -12.14 -18.79 13.69
N GLY B 208 -12.73 -18.24 12.63
CA GLY B 208 -12.63 -18.80 11.30
C GLY B 208 -11.15 -18.80 10.84
N SER B 209 -10.74 -19.93 10.28
CA SER B 209 -9.40 -20.09 9.71
C SER B 209 -9.68 -20.47 8.26
N TRP B 210 -9.42 -19.56 7.33
CA TRP B 210 -9.70 -19.84 5.92
C TRP B 210 -8.93 -21.03 5.41
N ARG B 211 -7.73 -21.26 5.97
CA ARG B 211 -6.92 -22.40 5.52
C ARG B 211 -7.64 -23.71 5.87
N GLU B 212 -8.21 -23.75 7.08
CA GLU B 212 -8.94 -24.97 7.49
C GLU B 212 -10.21 -25.17 6.69
N ASP B 213 -10.90 -24.11 6.29
CA ASP B 213 -12.14 -24.24 5.54
C ASP B 213 -12.05 -24.07 4.06
N TRP B 214 -10.84 -23.84 3.49
CA TRP B 214 -10.71 -23.64 2.05
C TRP B 214 -11.44 -24.68 1.24
N GLY B 215 -11.34 -25.95 1.64
CA GLY B 215 -11.97 -27.07 1.01
C GLY B 215 -13.47 -27.01 0.91
N GLN B 216 -14.13 -26.27 1.79
CA GLN B 216 -15.58 -26.14 1.78
C GLN B 216 -16.10 -25.24 0.68
N LEU B 217 -15.23 -24.58 -0.07
CA LEU B 217 -15.64 -23.73 -1.16
C LEU B 217 -15.88 -24.50 -2.44
N SER B 218 -17.02 -24.23 -3.07
CA SER B 218 -17.47 -24.84 -4.31
C SER B 218 -18.65 -24.03 -4.84
N GLY B 219 -19.09 -24.36 -6.05
CA GLY B 219 -20.22 -23.65 -6.66
C GLY B 219 -19.74 -22.42 -7.42
N PRO B 229 -26.54 -9.83 6.45
CA PRO B 229 -25.16 -9.69 6.88
C PRO B 229 -25.00 -8.80 8.10
N GLN B 230 -24.37 -9.36 9.11
CA GLN B 230 -24.08 -8.73 10.40
C GLN B 230 -22.55 -8.73 10.50
N SER B 231 -21.93 -7.82 11.21
CA SER B 231 -20.47 -7.78 11.31
C SER B 231 -19.98 -7.98 12.74
N ASN B 232 -20.94 -7.78 13.66
CA ASN B 232 -20.60 -7.91 15.07
C ASN B 232 -21.64 -8.69 15.84
N ALA B 233 -22.45 -9.48 15.10
CA ALA B 233 -23.45 -10.29 15.80
C ALA B 233 -23.68 -11.58 15.01
N GLY B 234 -24.38 -12.49 15.66
CA GLY B 234 -24.69 -13.74 15.00
C GLY B 234 -23.63 -14.79 15.02
N PRO B 235 -23.98 -15.91 14.35
CA PRO B 235 -23.14 -17.06 14.26
C PRO B 235 -22.04 -16.93 13.21
N ARG B 236 -21.13 -17.90 13.23
CA ARG B 236 -20.06 -17.87 12.24
C ARG B 236 -20.58 -18.19 10.86
N PRO B 237 -20.35 -17.29 9.91
CA PRO B 237 -20.71 -17.47 8.54
C PRO B 237 -19.87 -18.60 7.92
N HIS B 238 -20.42 -19.16 6.87
CA HIS B 238 -19.77 -20.20 6.07
C HIS B 238 -18.69 -19.44 5.27
N ILE B 239 -17.50 -20.00 5.04
CA ILE B 239 -16.47 -19.34 4.28
C ILE B 239 -16.97 -18.90 2.93
N GLY B 240 -17.94 -19.63 2.33
CA GLY B 240 -18.52 -19.27 1.06
C GLY B 240 -19.22 -17.90 1.10
N ASP B 241 -19.55 -17.41 2.28
CA ASP B 241 -20.22 -16.11 2.37
C ASP B 241 -19.23 -15.02 2.77
N THR B 242 -17.93 -15.28 2.65
CA THR B 242 -16.93 -14.28 3.00
C THR B 242 -16.12 -13.89 1.75
N LEU B 243 -15.20 -12.90 1.97
CA LEU B 243 -14.40 -12.44 0.82
C LEU B 243 -13.49 -13.51 0.28
N PHE B 244 -13.08 -14.47 1.11
CA PHE B 244 -12.22 -15.56 0.68
C PHE B 244 -12.78 -16.27 -0.53
N THR B 245 -14.11 -16.35 -0.65
CA THR B 245 -14.74 -17.04 -1.77
C THR B 245 -14.39 -16.45 -3.11
N LEU B 246 -14.06 -15.17 -3.22
CA LEU B 246 -13.70 -14.53 -4.47
C LEU B 246 -12.36 -15.00 -5.05
N PHE B 247 -11.50 -15.57 -4.26
CA PHE B 247 -10.17 -15.97 -4.65
C PHE B 247 -9.99 -17.41 -5.05
N ARG B 248 -11.05 -18.01 -5.61
CA ARG B 248 -11.06 -19.38 -6.10
C ARG B 248 -10.71 -19.41 -7.61
N ALA B 249 -10.49 -18.22 -8.14
CA ALA B 249 -10.14 -17.93 -9.50
C ALA B 249 -9.03 -18.84 -10.00
N PRO B 250 -9.23 -19.39 -11.19
CA PRO B 250 -8.27 -20.30 -11.81
C PRO B 250 -6.91 -19.66 -11.95
N GLU B 251 -6.85 -18.34 -12.15
CA GLU B 251 -5.62 -17.61 -12.27
C GLU B 251 -4.72 -17.77 -11.04
N LEU B 252 -5.31 -17.94 -9.84
CA LEU B 252 -4.57 -18.07 -8.62
C LEU B 252 -4.26 -19.51 -8.23
N LEU B 253 -4.82 -20.45 -8.97
CA LEU B 253 -4.66 -21.87 -8.68
C LEU B 253 -3.58 -22.56 -9.51
N ALA B 254 -2.73 -23.28 -8.79
CA ALA B 254 -1.65 -24.06 -9.41
C ALA B 254 -2.23 -25.29 -10.09
N PRO B 255 -1.38 -26.06 -10.76
CA PRO B 255 -1.78 -27.29 -11.43
C PRO B 255 -2.13 -28.40 -10.47
N ASN B 256 -1.84 -28.19 -9.18
CA ASN B 256 -2.12 -29.10 -8.10
C ASN B 256 -3.54 -28.88 -7.55
N GLY B 257 -4.15 -27.76 -7.93
CA GLY B 257 -5.48 -27.40 -7.52
C GLY B 257 -5.59 -26.32 -6.46
N ASP B 258 -4.63 -26.22 -5.56
CA ASP B 258 -4.64 -25.25 -4.49
C ASP B 258 -4.03 -23.91 -4.94
N LEU B 259 -4.13 -22.93 -4.07
CA LEU B 259 -3.59 -21.62 -4.36
C LEU B 259 -2.06 -21.63 -4.37
N TYR B 260 -1.50 -20.75 -5.21
CA TYR B 260 -0.04 -20.63 -5.13
C TYR B 260 0.17 -20.01 -3.74
N ASN B 261 1.26 -20.34 -3.10
CA ASN B 261 1.60 -19.81 -1.79
C ASN B 261 1.55 -18.30 -1.77
N VAL B 262 2.06 -17.66 -2.85
CA VAL B 262 2.05 -16.20 -2.88
C VAL B 262 0.66 -15.63 -2.65
N PHE B 263 -0.38 -16.20 -3.26
CA PHE B 263 -1.74 -15.71 -3.10
C PHE B 263 -2.29 -16.16 -1.74
N ALA B 264 -1.87 -17.34 -1.27
CA ALA B 264 -2.31 -17.81 0.05
C ALA B 264 -1.79 -16.86 1.10
N TRP B 265 -0.54 -16.38 1.00
CA TRP B 265 0.01 -15.45 1.98
C TRP B 265 -0.79 -14.15 2.00
N ALA B 266 -1.27 -13.69 0.84
CA ALA B 266 -2.07 -12.47 0.79
C ALA B 266 -3.41 -12.68 1.53
N LEU B 267 -3.95 -13.90 1.46
CA LEU B 267 -5.23 -14.19 2.19
C LEU B 267 -4.89 -14.21 3.66
N ASP B 268 -3.67 -14.64 4.03
CA ASP B 268 -3.29 -14.58 5.42
C ASP B 268 -3.28 -13.13 5.92
N VAL B 269 -2.78 -12.23 5.05
CA VAL B 269 -2.74 -10.83 5.38
C VAL B 269 -4.16 -10.27 5.46
N LEU B 270 -5.01 -10.69 4.49
CA LEU B 270 -6.38 -10.16 4.54
C LEU B 270 -7.01 -10.49 5.90
N ALA B 271 -6.82 -11.75 6.30
CA ALA B 271 -7.29 -12.32 7.54
C ALA B 271 -6.74 -11.62 8.75
N LYS B 272 -5.48 -11.16 8.73
CA LYS B 272 -4.88 -10.45 9.84
C LYS B 272 -5.36 -9.04 9.94
N ARG B 273 -5.48 -8.37 8.76
CA ARG B 273 -5.90 -6.96 8.79
C ARG B 273 -7.35 -6.80 9.25
N LEU B 274 -8.21 -7.73 8.81
CA LEU B 274 -9.61 -7.63 9.21
C LEU B 274 -9.91 -8.29 10.56
N ARG B 275 -9.14 -9.25 11.07
CA ARG B 275 -9.48 -9.89 12.31
C ARG B 275 -9.63 -8.90 13.48
N SER B 276 -8.85 -7.82 13.53
CA SER B 276 -8.86 -6.89 14.64
C SER B 276 -9.80 -5.70 14.44
N MET B 277 -10.48 -5.58 13.33
CA MET B 277 -11.40 -4.48 13.11
C MET B 277 -12.70 -4.64 13.90
N HIS B 278 -13.31 -3.51 14.21
CA HIS B 278 -14.58 -3.49 14.94
C HIS B 278 -15.64 -2.97 13.97
N VAL B 279 -16.50 -3.85 13.46
CA VAL B 279 -17.46 -3.39 12.49
C VAL B 279 -18.89 -3.22 12.97
N PHE B 280 -19.51 -2.10 12.59
CA PHE B 280 -20.90 -1.81 12.96
C PHE B 280 -21.73 -1.57 11.71
N ILE B 281 -23.02 -1.91 11.76
CA ILE B 281 -23.87 -1.74 10.59
C ILE B 281 -24.91 -0.64 10.89
N LEU B 282 -24.97 0.35 10.03
CA LEU B 282 -25.87 1.48 10.24
C LEU B 282 -27.02 1.40 9.24
N ASP B 283 -28.27 1.53 9.69
CA ASP B 283 -29.35 1.40 8.60
C ASP B 283 -29.62 2.76 7.98
N TYR B 284 -29.34 2.91 6.70
CA TYR B 284 -29.56 4.15 5.98
C TYR B 284 -30.98 4.25 5.41
N ASP B 285 -31.83 3.27 5.71
CA ASP B 285 -33.21 3.32 5.16
C ASP B 285 -34.03 4.19 6.12
N GLN B 286 -33.67 5.45 6.17
CA GLN B 286 -34.24 6.42 7.12
C GLN B 286 -33.97 7.85 6.67
N SER B 287 -34.66 8.84 7.28
CA SER B 287 -34.34 10.22 6.87
C SER B 287 -32.92 10.54 7.34
N PRO B 288 -32.35 11.63 6.84
CA PRO B 288 -31.02 12.05 7.23
C PRO B 288 -30.88 12.23 8.71
N ALA B 289 -31.84 12.86 9.41
CA ALA B 289 -31.75 13.04 10.85
C ALA B 289 -31.81 11.64 11.54
N GLY B 290 -32.65 10.81 10.97
CA GLY B 290 -32.77 9.43 11.49
C GLY B 290 -31.41 8.74 11.46
N CYS B 291 -30.73 8.78 10.32
CA CYS B 291 -29.41 8.18 10.17
C CYS B 291 -28.43 8.71 11.20
N ARG B 292 -28.39 10.04 11.39
CA ARG B 292 -27.53 10.70 12.34
C ARG B 292 -27.70 10.17 13.76
N ASP B 293 -28.94 10.12 14.26
CA ASP B 293 -29.21 9.72 15.62
C ASP B 293 -28.90 8.26 15.87
N ALA B 294 -29.04 7.47 14.79
CA ALA B 294 -28.73 6.04 14.90
C ALA B 294 -27.22 5.87 14.89
N LEU B 295 -26.53 6.74 14.13
CA LEU B 295 -25.07 6.60 14.09
C LEU B 295 -24.54 7.01 15.43
N LEU B 296 -25.19 8.04 16.03
CA LEU B 296 -24.80 8.53 17.32
C LEU B 296 -25.07 7.50 18.39
N GLN B 297 -26.06 6.65 18.27
CA GLN B 297 -26.28 5.65 19.31
C GLN B 297 -25.20 4.56 19.15
N LEU B 298 -24.84 4.24 17.91
CA LEU B 298 -23.85 3.25 17.56
C LEU B 298 -22.46 3.58 18.11
N THR B 299 -22.10 4.88 18.04
CA THR B 299 -20.79 5.26 18.56
C THR B 299 -20.61 4.88 20.03
N SER B 300 -21.64 4.65 20.82
CA SER B 300 -21.57 4.26 22.21
C SER B 300 -20.89 2.93 22.45
N GLY B 301 -20.97 1.96 21.55
CA GLY B 301 -20.32 0.68 21.73
C GLY B 301 -18.97 0.58 20.98
N MET B 302 -18.50 1.70 20.43
CA MET B 302 -17.23 1.72 19.70
C MET B 302 -16.01 1.80 20.62
N VAL B 303 -14.86 1.28 20.15
CA VAL B 303 -13.63 1.28 20.98
C VAL B 303 -12.73 2.49 20.84
N GLN B 304 -12.38 3.05 21.99
CA GLN B 304 -11.49 4.20 22.10
C GLN B 304 -10.06 3.71 22.32
N THR B 305 -9.09 4.59 22.06
CA THR B 305 -7.70 4.20 22.29
C THR B 305 -7.01 5.33 23.06
N HIS B 306 -5.92 4.95 23.73
CA HIS B 306 -5.14 6.01 24.40
C HIS B 306 -4.27 6.58 23.26
N VAL B 307 -3.68 7.73 23.46
CA VAL B 307 -2.77 8.31 22.47
C VAL B 307 -1.37 8.12 23.07
N THR B 308 -0.35 8.12 22.24
CA THR B 308 1.02 7.88 22.70
C THR B 308 1.65 9.07 23.40
N THR B 309 1.38 10.30 22.98
CA THR B 309 1.94 11.48 23.64
C THR B 309 0.75 12.30 24.16
N PRO B 310 1.01 13.32 24.97
CA PRO B 310 -0.07 14.14 25.51
C PRO B 310 -0.53 15.15 24.48
N GLY B 311 0.43 15.59 23.66
CA GLY B 311 0.20 16.55 22.60
C GLY B 311 -0.39 15.95 21.35
N SER B 312 -0.69 14.66 21.34
CA SER B 312 -1.27 14.00 20.18
C SER B 312 -2.65 14.58 19.88
N ILE B 313 -3.43 14.86 20.92
CA ILE B 313 -4.76 15.41 20.64
C ILE B 313 -4.71 16.61 19.74
N PRO B 314 -4.07 17.70 20.14
CA PRO B 314 -3.98 18.88 19.29
C PRO B 314 -3.30 18.57 17.95
N THR B 315 -2.21 17.81 17.99
CA THR B 315 -1.47 17.41 16.80
C THR B 315 -2.38 16.75 15.78
N ILE B 316 -3.02 15.65 16.22
CA ILE B 316 -3.98 14.92 15.38
C ILE B 316 -5.08 15.83 14.89
N CYS B 317 -5.60 16.67 15.79
CA CYS B 317 -6.67 17.60 15.44
C CYS B 317 -6.32 18.53 14.28
N ASP B 318 -5.11 19.04 14.30
CA ASP B 318 -4.55 19.92 13.28
C ASP B 318 -4.43 19.21 11.92
N LEU B 319 -3.94 17.99 12.00
CA LEU B 319 -3.72 17.10 10.83
C LEU B 319 -5.06 16.93 10.14
N ALA B 320 -6.10 16.60 10.95
CA ALA B 320 -7.43 16.44 10.40
C ALA B 320 -7.98 17.71 9.84
N ARG B 321 -7.84 18.84 10.56
CA ARG B 321 -8.42 20.08 10.00
C ARG B 321 -7.78 20.40 8.66
N THR B 322 -6.47 20.35 8.61
CA THR B 322 -5.70 20.55 7.39
C THR B 322 -6.22 19.69 6.24
N PHE B 323 -6.34 18.37 6.45
CA PHE B 323 -6.90 17.54 5.39
C PHE B 323 -8.28 18.04 4.94
N ALA B 324 -9.16 18.34 5.89
CA ALA B 324 -10.49 18.83 5.55
C ALA B 324 -10.36 20.14 4.75
N ARG B 325 -9.54 21.02 5.33
CA ARG B 325 -9.30 22.32 4.74
C ARG B 325 -8.78 22.21 3.33
N GLU B 326 -7.82 21.32 3.04
CA GLU B 326 -7.30 21.20 1.70
C GLU B 326 -8.00 20.28 0.73
N MET B 327 -8.63 19.19 1.22
CA MET B 327 -9.22 18.20 0.34
C MET B 327 -10.69 17.88 0.43
N GLY B 328 -11.61 18.78 0.69
CA GLY B 328 -13.03 18.43 0.74
C GLY B 328 -13.80 18.89 -0.48
N GLU B 329 -15.02 19.37 -0.25
CA GLU B 329 -15.94 19.87 -1.26
C GLU B 329 -16.69 21.12 -0.78
#